data_5Q0J
#
_entry.id   5Q0J
#
_cell.length_a   71.865
_cell.length_b   84.076
_cell.length_c   188.931
_cell.angle_alpha   90.000
_cell.angle_beta   90.000
_cell.angle_gamma   90.000
#
_symmetry.space_group_name_H-M   'C 2 2 21'
#
loop_
_entity.id
_entity.type
_entity.pdbx_description
1 polymer 'Bile acid receptor'
2 polymer 'COACTIVATOR PEPTIDE SRC-1 HD3'
3 non-polymer (2S)-N,2-dicyclohexyl-2-[2-(5-phenylthiophen-2-yl)-1H-benzimidazol-1-yl]acetamide
4 water water
#
loop_
_entity_poly.entity_id
_entity_poly.type
_entity_poly.pdbx_seq_one_letter_code
_entity_poly.pdbx_strand_id
1 'polypeptide(L)'
;GSHMELTPDQQTLLHFIMDSYNKQRMPQEITNKILKEAFSAEENFLILTEMATNHVQVLVEFTKKLPGFQTLDHEDQIAL
LKGSAVEAMFLRSAEIFNKKLPSGHSDLLEARIRNSGISDEYITPMFSFYKSIGELKMTQEEYALLTAIVILSPDRQYIK
DREAVEKLQEPLLDVLQKLCKIHQPENPQHFACLLGRLTELRTFNHHHAEMLMSWRVNDHKFTPLLCEIWDVQ
;
A,C
2 'polypeptide(L)' KDHQLLRYLLDKDE B,D
#
loop_
_chem_comp.id
_chem_comp.type
_chem_comp.name
_chem_comp.formula
9KV non-polymer (2S)-N,2-dicyclohexyl-2-[2-(5-phenylthiophen-2-yl)-1H-benzimidazol-1-yl]acetamide 'C31 H35 N3 O S'
#
# COMPACT_ATOMS: atom_id res chain seq x y z
N MET A 4 15.09 40.21 -24.89
CA MET A 4 15.14 38.75 -24.81
C MET A 4 15.98 38.24 -23.60
N GLU A 5 17.32 38.38 -23.65
CA GLU A 5 18.16 38.49 -22.44
C GLU A 5 17.72 39.18 -21.18
N LEU A 6 18.22 38.59 -20.08
CA LEU A 6 18.12 39.18 -18.77
C LEU A 6 19.09 40.33 -18.66
N THR A 7 18.62 41.43 -18.09
CA THR A 7 19.48 42.57 -17.84
C THR A 7 20.45 42.21 -16.73
N PRO A 8 21.52 42.98 -16.59
CA PRO A 8 22.43 42.71 -15.46
C PRO A 8 21.73 42.75 -14.12
N ASP A 9 20.78 43.66 -13.93
CA ASP A 9 20.06 43.72 -12.66
C ASP A 9 19.19 42.49 -12.46
N GLN A 10 18.57 42.01 -13.54
CA GLN A 10 17.74 40.80 -13.43
C GLN A 10 18.60 39.59 -13.13
N GLN A 11 19.77 39.50 -13.75
CA GLN A 11 20.64 38.39 -13.40
C GLN A 11 20.95 38.43 -11.91
N THR A 12 21.35 39.60 -11.42
CA THR A 12 21.64 39.75 -10.00
C THR A 12 20.43 39.39 -9.12
N LEU A 13 19.26 39.90 -9.45
CA LEU A 13 18.06 39.56 -8.72
C LEU A 13 17.84 38.05 -8.67
N LEU A 14 17.77 37.43 -9.85
CA LEU A 14 17.69 35.97 -9.94
C LEU A 14 18.89 35.41 -9.18
N HIS A 15 20.06 36.03 -9.38
CA HIS A 15 21.15 35.49 -8.75
C HIS A 15 21.06 35.52 -7.22
N PHE A 16 20.45 36.54 -6.60
CA PHE A 16 20.26 36.62 -5.14
C PHE A 16 19.19 35.67 -4.62
N ILE A 17 18.07 35.55 -5.34
CA ILE A 17 16.94 34.73 -4.90
C ILE A 17 17.29 33.23 -4.86
N MET A 18 18.07 32.75 -5.82
CA MET A 18 18.48 31.34 -5.79
C MET A 18 19.27 31.01 -4.53
N ASP A 19 20.18 31.90 -4.12
CA ASP A 19 20.97 31.68 -2.91
C ASP A 19 20.09 31.59 -1.67
N SER A 20 19.06 32.44 -1.57
CA SER A 20 18.16 32.38 -0.41
C SER A 20 17.33 31.12 -0.45
N TYR A 21 16.89 30.74 -1.66
CA TYR A 21 16.08 29.52 -1.83
C TYR A 21 16.84 28.28 -1.40
N ASN A 22 18.15 28.23 -1.66
CA ASN A 22 18.89 26.99 -1.42
C ASN A 22 19.21 26.73 0.05
N LYS A 23 18.87 27.66 0.95
CA LYS A 23 18.97 27.43 2.39
C LYS A 23 17.99 26.37 2.89
N GLN A 24 17.07 25.89 2.06
CA GLN A 24 16.09 24.89 2.47
C GLN A 24 16.77 23.53 2.70
N ARG A 25 16.07 22.65 3.41
CA ARG A 25 16.55 21.28 3.56
C ARG A 25 16.66 20.61 2.21
N MET A 26 17.77 19.91 1.99
CA MET A 26 18.03 19.29 0.69
C MET A 26 16.95 18.26 0.38
N PRO A 27 16.53 18.15 -0.88
CA PRO A 27 15.51 17.14 -1.22
C PRO A 27 15.87 15.74 -0.76
N GLN A 28 17.13 15.32 -0.94
CA GLN A 28 17.48 13.93 -0.64
C GLN A 28 17.35 13.64 0.85
N GLU A 29 17.69 14.60 1.72
CA GLU A 29 17.46 14.40 3.16
C GLU A 29 16.03 13.94 3.41
N ILE A 30 15.07 14.56 2.72
CA ILE A 30 13.66 14.23 2.94
C ILE A 30 13.32 12.87 2.32
N THR A 31 13.67 12.66 1.04
CA THR A 31 13.29 11.40 0.41
C THR A 31 14.07 10.23 0.99
N ASN A 32 15.28 10.49 1.51
CA ASN A 32 16.03 9.42 2.20
C ASN A 32 15.22 8.86 3.36
N LYS A 33 14.76 9.72 4.27
CA LYS A 33 14.03 9.23 5.44
C LYS A 33 12.82 8.40 5.02
N ILE A 34 12.05 8.92 4.05
CA ILE A 34 10.81 8.26 3.63
C ILE A 34 11.10 6.92 2.96
N LEU A 35 12.12 6.87 2.10
CA LEU A 35 12.39 5.64 1.35
C LEU A 35 13.00 4.54 2.22
N LYS A 36 13.69 4.93 3.29
CA LYS A 36 14.50 4.04 4.10
C LYS A 36 13.65 2.98 4.78
N GLU A 37 12.77 3.38 5.69
CA GLU A 37 11.80 2.49 6.31
C GLU A 37 10.40 2.97 5.99
N ALA A 38 9.43 2.06 6.06
CA ALA A 38 8.04 2.46 6.16
C ALA A 38 7.72 2.83 7.59
N PHE A 39 6.94 3.88 7.78
CA PHE A 39 6.58 4.30 9.13
C PHE A 39 5.09 4.12 9.35
N SER A 40 4.70 4.13 10.61
CA SER A 40 3.28 4.13 10.90
C SER A 40 2.70 5.48 10.56
N ALA A 41 1.37 5.53 10.42
CA ALA A 41 0.69 6.79 10.12
C ALA A 41 0.96 7.84 11.20
N GLU A 42 1.09 7.41 12.46
CA GLU A 42 1.43 8.35 13.54
C GLU A 42 2.85 8.89 13.42
N GLU A 43 3.80 8.03 13.05
CA GLU A 43 5.16 8.51 12.86
C GLU A 43 5.24 9.43 11.64
N ASN A 44 4.48 9.11 10.58
CA ASN A 44 4.48 9.98 9.40
C ASN A 44 3.89 11.35 9.71
N PHE A 45 2.85 11.39 10.53
CA PHE A 45 2.27 12.67 10.88
C PHE A 45 3.27 13.54 11.61
N LEU A 46 4.01 12.94 12.55
CA LEU A 46 5.08 13.61 13.25
C LEU A 46 6.17 14.08 12.29
N ILE A 47 6.54 13.25 11.32
CA ILE A 47 7.54 13.65 10.33
C ILE A 47 7.04 14.86 9.55
N LEU A 48 5.75 14.87 9.20
CA LEU A 48 5.17 16.01 8.48
C LEU A 48 5.23 17.28 9.31
N THR A 49 4.80 17.22 10.57
CA THR A 49 4.79 18.46 11.35
C THR A 49 6.19 18.96 11.60
N GLU A 50 7.15 18.05 11.80
CA GLU A 50 8.54 18.49 11.96
C GLU A 50 9.07 19.11 10.66
N MET A 51 8.84 18.46 9.52
CA MET A 51 9.27 19.02 8.23
C MET A 51 8.64 20.37 7.98
N ALA A 52 7.34 20.50 8.26
CA ALA A 52 6.60 21.71 7.93
C ALA A 52 6.99 22.84 8.86
N THR A 53 7.33 22.54 10.11
CA THR A 53 7.80 23.58 11.02
C THR A 53 9.15 24.13 10.55
N ASN A 54 10.09 23.26 10.21
CA ASN A 54 11.34 23.75 9.62
C ASN A 54 11.07 24.54 8.34
N HIS A 55 10.15 24.06 7.49
CA HIS A 55 9.91 24.77 6.23
C HIS A 55 9.42 26.20 6.47
N VAL A 56 8.49 26.40 7.38
CA VAL A 56 7.99 27.75 7.68
C VAL A 56 9.12 28.65 8.19
N GLN A 57 9.97 28.11 9.06
CA GLN A 57 11.06 28.93 9.57
C GLN A 57 11.94 29.43 8.44
N VAL A 58 12.28 28.54 7.50
CA VAL A 58 13.14 28.95 6.40
C VAL A 58 12.38 29.88 5.44
N LEU A 59 11.09 29.62 5.26
CA LEU A 59 10.29 30.45 4.38
C LEU A 59 10.25 31.90 4.87
N VAL A 60 10.17 32.10 6.20
CA VAL A 60 10.18 33.46 6.75
C VAL A 60 11.51 34.15 6.46
N GLU A 61 12.63 33.43 6.61
CA GLU A 61 13.94 34.02 6.28
C GLU A 61 14.07 34.29 4.79
N PHE A 62 13.54 33.40 3.95
CA PHE A 62 13.51 33.66 2.51
C PHE A 62 12.69 34.90 2.20
N THR A 63 11.51 35.00 2.83
CA THR A 63 10.60 36.11 2.55
C THR A 63 11.21 37.45 2.96
N LYS A 64 11.86 37.49 4.11
CA LYS A 64 12.48 38.72 4.57
C LYS A 64 13.59 39.18 3.61
N LYS A 65 14.20 38.26 2.87
CA LYS A 65 15.21 38.69 1.93
C LYS A 65 14.63 39.15 0.59
N LEU A 66 13.33 38.99 0.36
CA LEU A 66 12.77 39.43 -0.91
C LEU A 66 12.89 40.96 -1.02
N PRO A 67 13.40 41.49 -2.14
CA PRO A 67 13.61 42.94 -2.24
C PRO A 67 12.33 43.72 -1.98
N GLY A 68 12.39 44.60 -0.99
CA GLY A 68 11.30 45.47 -0.66
C GLY A 68 10.31 44.94 0.35
N PHE A 69 10.34 43.63 0.65
CA PHE A 69 9.38 43.07 1.60
C PHE A 69 9.44 43.76 2.96
N GLN A 70 10.65 44.04 3.46
CA GLN A 70 10.76 44.61 4.80
C GLN A 70 10.25 46.05 4.88
N THR A 71 10.08 46.74 3.76
CA THR A 71 9.48 48.08 3.78
C THR A 71 7.96 48.05 3.65
N LEU A 72 7.34 46.88 3.62
CA LEU A 72 5.89 46.84 3.59
C LEU A 72 5.33 47.09 4.98
N ASP A 73 4.09 47.58 5.03
CA ASP A 73 3.38 47.70 6.29
C ASP A 73 3.44 46.39 7.06
N HIS A 74 3.58 46.49 8.38
CA HIS A 74 3.83 45.30 9.19
C HIS A 74 2.65 44.35 9.19
N GLU A 75 1.42 44.88 9.19
CA GLU A 75 0.26 44.00 9.13
C GLU A 75 0.19 43.28 7.78
N ASP A 76 0.59 43.94 6.70
CA ASP A 76 0.53 43.34 5.38
C ASP A 76 1.60 42.25 5.22
N GLN A 77 2.77 42.41 5.86
CA GLN A 77 3.78 41.35 5.88
C GLN A 77 3.25 40.06 6.48
N ILE A 78 2.53 40.17 7.60
CA ILE A 78 1.95 38.99 8.24
C ILE A 78 0.95 38.33 7.32
N ALA A 79 0.11 39.16 6.69
CA ALA A 79 -0.94 38.65 5.84
C ALA A 79 -0.37 37.94 4.62
N LEU A 80 0.77 38.39 4.09
CA LEU A 80 1.38 37.69 2.96
C LEU A 80 1.96 36.34 3.38
N LEU A 81 2.60 36.28 4.55
CA LEU A 81 3.17 35.01 5.01
C LEU A 81 2.08 34.00 5.36
N LYS A 82 1.10 34.43 6.14
CA LYS A 82 -0.02 33.55 6.45
C LYS A 82 -0.72 33.10 5.18
N GLY A 83 -0.89 34.00 4.21
CA GLY A 83 -1.65 33.63 3.04
C GLY A 83 -0.91 32.70 2.09
N SER A 84 0.41 32.58 2.21
CA SER A 84 1.17 31.81 1.24
C SER A 84 1.88 30.59 1.80
N ALA A 85 1.91 30.42 3.11
CA ALA A 85 2.76 29.37 3.68
C ALA A 85 2.37 27.99 3.17
N VAL A 86 1.07 27.66 3.19
CA VAL A 86 0.62 26.34 2.78
C VAL A 86 0.89 26.12 1.30
N GLU A 87 0.61 27.13 0.47
CA GLU A 87 0.93 26.99 -0.95
C GLU A 87 2.42 26.73 -1.16
N ALA A 88 3.29 27.46 -0.44
CA ALA A 88 4.72 27.25 -0.62
C ALA A 88 5.12 25.84 -0.22
N MET A 89 4.47 25.28 0.80
CA MET A 89 4.81 23.93 1.23
CA MET A 89 4.80 23.92 1.23
C MET A 89 4.47 22.89 0.16
N PHE A 90 3.35 23.04 -0.53
CA PHE A 90 3.00 22.07 -1.55
C PHE A 90 3.85 22.25 -2.79
N LEU A 91 4.23 23.49 -3.11
CA LEU A 91 5.10 23.69 -4.25
C LEU A 91 6.45 23.05 -3.99
N ARG A 92 6.97 23.24 -2.77
CA ARG A 92 8.23 22.59 -2.41
C ARG A 92 8.08 21.07 -2.40
N SER A 93 6.96 20.55 -1.87
CA SER A 93 6.72 19.09 -1.95
C SER A 93 6.69 18.61 -3.40
N ALA A 94 6.09 19.39 -4.29
CA ALA A 94 6.06 18.95 -5.70
C ALA A 94 7.46 18.96 -6.31
N GLU A 95 8.26 19.97 -5.95
CA GLU A 95 9.65 20.00 -6.41
C GLU A 95 10.39 18.75 -5.98
N ILE A 96 10.27 18.40 -4.70
CA ILE A 96 10.96 17.23 -4.17
C ILE A 96 10.46 15.97 -4.86
N PHE A 97 9.15 15.86 -4.99
CA PHE A 97 8.58 14.65 -5.59
C PHE A 97 9.12 14.41 -6.99
N ASN A 98 9.40 15.48 -7.72
CA ASN A 98 9.79 15.37 -9.12
C ASN A 98 11.30 15.34 -9.36
N LYS A 99 12.11 15.43 -8.31
CA LYS A 99 13.55 15.17 -8.44
C LYS A 99 13.79 13.77 -8.96
N LYS A 100 14.65 13.62 -9.97
CA LYS A 100 14.91 12.28 -10.48
C LYS A 100 15.74 11.49 -9.47
N LEU A 101 15.36 10.24 -9.29
CA LEU A 101 15.95 9.32 -8.32
C LEU A 101 16.32 8.04 -9.04
N PRO A 102 17.19 7.20 -8.43
CA PRO A 102 17.53 5.90 -9.04
C PRO A 102 16.30 5.07 -9.41
N SER A 103 16.46 4.15 -10.36
CA SER A 103 15.34 3.36 -10.87
C SER A 103 14.53 2.74 -9.75
N GLY A 104 13.21 2.84 -9.87
CA GLY A 104 12.29 2.29 -8.89
C GLY A 104 12.08 3.12 -7.63
N HIS A 105 12.93 4.12 -7.36
CA HIS A 105 12.81 4.86 -6.11
C HIS A 105 11.55 5.72 -6.08
N SER A 106 11.23 6.39 -7.19
CA SER A 106 10.07 7.28 -7.22
C SER A 106 8.78 6.49 -7.05
N ASP A 107 8.71 5.29 -7.65
CA ASP A 107 7.55 4.45 -7.43
C ASP A 107 7.40 4.09 -5.95
N LEU A 108 8.50 3.74 -5.28
CA LEU A 108 8.43 3.45 -3.86
C LEU A 108 8.04 4.68 -3.07
N LEU A 109 8.57 5.84 -3.45
CA LEU A 109 8.21 7.08 -2.77
C LEU A 109 6.72 7.36 -2.92
N GLU A 110 6.18 7.20 -4.14
CA GLU A 110 4.74 7.39 -4.31
CA GLU A 110 4.74 7.36 -4.34
C GLU A 110 3.95 6.44 -3.41
N ALA A 111 4.35 5.16 -3.36
CA ALA A 111 3.64 4.20 -2.50
C ALA A 111 3.74 4.57 -1.04
N ARG A 112 4.91 5.02 -0.59
CA ARG A 112 5.05 5.47 0.79
C ARG A 112 4.12 6.63 1.10
N ILE A 113 4.01 7.57 0.17
CA ILE A 113 3.10 8.68 0.39
C ILE A 113 1.65 8.21 0.33
N ARG A 114 1.30 7.34 -0.62
CA ARG A 114 -0.06 6.81 -0.65
C ARG A 114 -0.44 6.15 0.67
N ASN A 115 0.52 5.47 1.29
CA ASN A 115 0.27 4.74 2.52
C ASN A 115 0.66 5.50 3.78
N SER A 116 0.76 6.83 3.70
CA SER A 116 1.31 7.59 4.82
C SER A 116 0.30 7.87 5.91
N GLY A 117 -0.99 7.75 5.63
CA GLY A 117 -2.02 8.08 6.60
C GLY A 117 -2.97 9.15 6.09
N ILE A 118 -2.58 9.86 5.03
CA ILE A 118 -3.44 10.83 4.40
C ILE A 118 -4.70 10.16 3.84
N SER A 119 -5.79 10.90 3.86
CA SER A 119 -7.10 10.39 3.49
C SER A 119 -7.21 10.17 1.98
N ASP A 120 -7.95 9.12 1.60
CA ASP A 120 -8.08 8.74 0.19
C ASP A 120 -8.63 9.88 -0.64
N GLU A 121 -9.57 10.64 -0.09
CA GLU A 121 -10.14 11.85 -0.69
C GLU A 121 -9.09 12.80 -1.26
N TYR A 122 -7.91 12.85 -0.64
CA TYR A 122 -6.88 13.82 -0.97
C TYR A 122 -5.71 13.27 -1.77
N ILE A 123 -5.53 11.95 -1.82
CA ILE A 123 -4.34 11.39 -2.47
C ILE A 123 -4.38 11.66 -3.97
N THR A 124 -5.55 11.51 -4.58
CA THR A 124 -5.60 11.63 -6.03
C THR A 124 -5.38 13.08 -6.50
N PRO A 125 -6.01 14.11 -5.92
CA PRO A 125 -5.68 15.48 -6.35
C PRO A 125 -4.24 15.87 -6.10
N MET A 126 -3.67 15.41 -5.00
CA MET A 126 -2.28 15.71 -4.69
C MET A 126 -1.34 15.20 -5.77
N PHE A 127 -1.52 13.94 -6.18
CA PHE A 127 -0.66 13.37 -7.19
C PHE A 127 -0.93 13.98 -8.56
N SER A 128 -2.18 14.34 -8.83
CA SER A 128 -2.49 15.04 -10.06
C SER A 128 -1.69 16.34 -10.15
N PHE A 129 -1.70 17.12 -9.08
CA PHE A 129 -0.92 18.36 -9.06
C PHE A 129 0.58 18.10 -9.18
N TYR A 130 1.12 17.17 -8.38
CA TYR A 130 2.56 16.87 -8.50
C TYR A 130 2.91 16.53 -9.92
N LYS A 131 2.04 15.78 -10.58
CA LYS A 131 2.37 15.27 -11.89
C LYS A 131 2.24 16.39 -12.94
N SER A 132 1.25 17.27 -12.79
CA SER A 132 1.20 18.45 -13.65
CA SER A 132 1.19 18.46 -13.64
C SER A 132 2.41 19.37 -13.43
N ILE A 133 2.96 19.40 -12.21
CA ILE A 133 4.16 20.21 -11.99
C ILE A 133 5.38 19.56 -12.64
N GLY A 134 5.47 18.23 -12.60
CA GLY A 134 6.59 17.57 -13.25
C GLY A 134 6.59 17.73 -14.76
N GLU A 135 5.41 17.73 -15.38
CA GLU A 135 5.29 17.93 -16.82
C GLU A 135 5.91 19.25 -17.28
N LEU A 136 5.87 20.28 -16.43
CA LEU A 136 6.41 21.58 -16.80
C LEU A 136 7.94 21.62 -16.91
N LYS A 137 8.66 20.61 -16.40
CA LYS A 137 10.12 20.55 -16.49
C LYS A 137 10.79 21.83 -15.96
N MET A 138 10.37 22.25 -14.77
CA MET A 138 10.88 23.48 -14.21
C MET A 138 12.31 23.33 -13.74
N THR A 139 13.10 24.40 -13.90
CA THR A 139 14.41 24.46 -13.30
C THR A 139 14.31 24.93 -11.85
N GLN A 140 15.44 24.78 -11.13
CA GLN A 140 15.50 25.29 -9.76
C GLN A 140 15.25 26.79 -9.70
N GLU A 141 15.69 27.56 -10.72
CA GLU A 141 15.42 28.99 -10.74
C GLU A 141 13.94 29.28 -10.88
N GLU A 142 13.26 28.49 -11.70
CA GLU A 142 11.83 28.67 -11.88
C GLU A 142 11.06 28.34 -10.60
N TYR A 143 11.46 27.28 -9.88
CA TYR A 143 10.79 26.99 -8.60
C TYR A 143 11.00 28.13 -7.60
N ALA A 144 12.22 28.66 -7.51
CA ALA A 144 12.50 29.75 -6.57
C ALA A 144 11.71 31.01 -6.90
N LEU A 145 11.64 31.37 -8.20
CA LEU A 145 10.87 32.53 -8.61
C LEU A 145 9.38 32.36 -8.32
N LEU A 146 8.84 31.20 -8.69
CA LEU A 146 7.43 30.94 -8.48
C LEU A 146 7.08 31.02 -7.00
N THR A 147 7.94 30.48 -6.14
CA THR A 147 7.73 30.62 -4.70
C THR A 147 7.71 32.09 -4.27
N ALA A 148 8.64 32.90 -4.81
CA ALA A 148 8.66 34.33 -4.50
C ALA A 148 7.39 35.01 -4.98
N ILE A 149 6.91 34.64 -6.17
CA ILE A 149 5.71 35.23 -6.74
C ILE A 149 4.47 34.83 -5.93
N VAL A 150 4.42 33.58 -5.49
CA VAL A 150 3.34 33.12 -4.61
C VAL A 150 3.29 33.93 -3.33
N ILE A 151 4.45 34.11 -2.69
CA ILE A 151 4.51 34.89 -1.45
C ILE A 151 4.07 36.33 -1.68
N LEU A 152 4.50 36.93 -2.79
CA LEU A 152 4.18 38.36 -3.02
C LEU A 152 2.90 38.55 -3.83
N SER A 153 1.84 37.84 -3.47
CA SER A 153 0.58 37.94 -4.22
C SER A 153 -0.25 39.07 -3.67
N PRO A 154 -0.53 40.11 -4.47
CA PRO A 154 -1.31 41.26 -3.95
C PRO A 154 -2.76 40.94 -3.64
N ASP A 155 -3.30 39.80 -4.06
CA ASP A 155 -4.73 39.56 -3.94
C ASP A 155 -5.14 38.73 -2.72
N ARG A 156 -4.26 38.61 -1.72
CA ARG A 156 -4.55 37.95 -0.45
C ARG A 156 -5.58 38.78 0.34
N GLN A 157 -6.25 38.18 1.36
CA GLN A 157 -7.17 39.02 2.15
C GLN A 157 -6.34 40.10 2.78
N TYR A 158 -7.00 40.89 3.66
CA TYR A 158 -6.29 41.75 4.60
C TYR A 158 -5.03 42.43 4.08
N ILE A 159 -4.73 42.34 2.78
CA ILE A 159 -3.70 43.26 2.26
C ILE A 159 -4.36 44.63 2.15
N LYS A 160 -3.83 45.59 2.92
CA LYS A 160 -4.37 46.94 2.93
C LYS A 160 -3.88 47.74 1.73
N ASP A 161 -2.62 47.56 1.37
CA ASP A 161 -2.01 48.31 0.29
C ASP A 161 -1.55 47.30 -0.78
N ARG A 162 -2.46 46.94 -1.67
CA ARG A 162 -2.11 46.00 -2.73
CA ARG A 162 -2.12 46.01 -2.73
C ARG A 162 -1.10 46.62 -3.68
N GLU A 163 -1.18 47.91 -3.90
CA GLU A 163 -0.34 48.54 -4.91
C GLU A 163 1.14 48.40 -4.53
N ALA A 164 1.47 48.51 -3.23
CA ALA A 164 2.83 48.28 -2.78
C ALA A 164 3.28 46.86 -3.08
N VAL A 165 2.41 45.87 -2.84
CA VAL A 165 2.80 44.48 -3.10
C VAL A 165 2.98 44.24 -4.60
N GLU A 166 2.09 44.81 -5.42
CA GLU A 166 2.18 44.63 -6.88
C GLU A 166 3.55 45.03 -7.39
N LYS A 167 4.07 46.17 -6.93
CA LYS A 167 5.35 46.63 -7.45
C LYS A 167 6.51 45.77 -7.00
N LEU A 168 6.39 45.03 -5.89
CA LEU A 168 7.38 44.00 -5.60
C LEU A 168 7.20 42.74 -6.45
N GLN A 169 5.97 42.35 -6.77
CA GLN A 169 5.74 41.12 -7.53
C GLN A 169 6.15 41.25 -8.99
N GLU A 170 5.89 42.43 -9.60
CA GLU A 170 6.04 42.56 -11.06
C GLU A 170 7.46 42.31 -11.55
N PRO A 171 8.51 42.83 -10.93
CA PRO A 171 9.86 42.50 -11.41
C PRO A 171 10.17 41.03 -11.38
N LEU A 172 9.60 40.28 -10.42
CA LEU A 172 9.83 38.85 -10.43
C LEU A 172 9.04 38.17 -11.55
N LEU A 173 7.82 38.63 -11.83
CA LEU A 173 7.09 38.07 -12.96
C LEU A 173 7.85 38.31 -14.27
N ASP A 174 8.44 39.50 -14.43
CA ASP A 174 9.17 39.79 -15.66
C ASP A 174 10.36 38.86 -15.84
N VAL A 175 11.12 38.61 -14.77
CA VAL A 175 12.26 37.71 -14.85
C VAL A 175 11.79 36.30 -15.19
N LEU A 176 10.74 35.83 -14.52
CA LEU A 176 10.23 34.49 -14.80
C LEU A 176 9.79 34.37 -16.25
N GLN A 177 9.13 35.41 -16.79
CA GLN A 177 8.74 35.36 -18.19
C GLN A 177 9.96 35.27 -19.12
N LYS A 178 11.03 36.03 -18.83
CA LYS A 178 12.22 35.93 -19.67
C LYS A 178 12.83 34.53 -19.64
N LEU A 179 12.94 33.92 -18.45
CA LEU A 179 13.45 32.56 -18.36
C LEU A 179 12.61 31.58 -19.16
N CYS A 180 11.27 31.70 -19.11
CA CYS A 180 10.44 30.76 -19.86
C CYS A 180 10.69 30.88 -21.36
N LYS A 181 10.90 32.10 -21.84
CA LYS A 181 11.19 32.30 -23.25
C LYS A 181 12.57 31.76 -23.60
N ILE A 182 13.56 31.96 -22.72
CA ILE A 182 14.91 31.47 -22.96
C ILE A 182 14.97 29.94 -22.87
N HIS A 183 14.45 29.37 -21.78
CA HIS A 183 14.66 27.94 -21.54
CA HIS A 183 14.61 27.94 -21.49
C HIS A 183 13.71 27.05 -22.33
N GLN A 184 12.64 27.59 -22.92
CA GLN A 184 11.69 26.79 -23.69
C GLN A 184 11.11 27.63 -24.82
N PRO A 185 11.95 28.03 -25.80
CA PRO A 185 11.45 28.89 -26.87
C PRO A 185 10.45 28.23 -27.80
N GLU A 186 10.43 26.90 -27.88
CA GLU A 186 9.43 26.23 -28.69
C GLU A 186 8.03 26.23 -28.08
N ASN A 187 7.88 26.55 -26.79
CA ASN A 187 6.58 26.54 -26.11
C ASN A 187 6.28 27.93 -25.57
N PRO A 188 5.63 28.76 -26.37
CA PRO A 188 5.34 30.14 -25.96
C PRO A 188 4.13 30.26 -25.05
N GLN A 189 3.52 29.14 -24.70
CA GLN A 189 2.54 29.05 -23.61
C GLN A 189 3.14 28.65 -22.28
N HIS A 190 4.46 28.42 -22.20
CA HIS A 190 5.04 27.89 -20.96
C HIS A 190 4.84 28.83 -19.77
N PHE A 191 5.06 30.14 -19.96
CA PHE A 191 4.86 31.08 -18.87
C PHE A 191 3.41 31.06 -18.35
N ALA A 192 2.44 31.12 -19.26
CA ALA A 192 1.04 31.09 -18.85
C ALA A 192 0.71 29.80 -18.11
N CYS A 193 1.27 28.67 -18.57
CA CYS A 193 1.03 27.39 -17.92
CA CYS A 193 1.02 27.40 -17.91
C CYS A 193 1.58 27.38 -16.49
N LEU A 194 2.75 27.98 -16.28
CA LEU A 194 3.27 28.07 -14.91
C LEU A 194 2.31 28.87 -14.05
N LEU A 195 1.90 30.04 -14.53
CA LEU A 195 0.97 30.86 -13.76
C LEU A 195 -0.37 30.15 -13.54
N GLY A 196 -0.82 29.35 -14.50
CA GLY A 196 -2.09 28.65 -14.32
C GLY A 196 -2.02 27.63 -13.20
N ARG A 197 -0.86 27.00 -13.01
CA ARG A 197 -0.65 26.07 -11.89
C ARG A 197 -0.84 26.72 -10.53
N LEU A 198 -0.58 28.02 -10.41
CA LEU A 198 -0.79 28.70 -9.13
C LEU A 198 -2.24 28.62 -8.66
N THR A 199 -3.21 28.66 -9.58
CA THR A 199 -4.60 28.59 -9.14
C THR A 199 -4.91 27.22 -8.56
N GLU A 200 -4.25 26.17 -9.06
CA GLU A 200 -4.41 24.85 -8.45
C GLU A 200 -3.81 24.82 -7.04
N LEU A 201 -2.66 25.48 -6.83
CA LEU A 201 -2.11 25.59 -5.47
C LEU A 201 -3.08 26.22 -4.52
N ARG A 202 -3.81 27.25 -4.96
CA ARG A 202 -4.71 27.94 -4.04
C ARG A 202 -5.81 27.02 -3.53
N THR A 203 -6.21 26.02 -4.32
CA THR A 203 -7.25 25.12 -3.81
C THR A 203 -6.76 24.31 -2.61
N PHE A 204 -5.48 23.91 -2.57
CA PHE A 204 -4.97 23.18 -1.41
C PHE A 204 -5.00 24.03 -0.15
N ASN A 205 -4.68 25.31 -0.27
CA ASN A 205 -4.75 26.20 0.87
C ASN A 205 -6.13 26.16 1.52
N HIS A 206 -7.15 26.08 0.69
CA HIS A 206 -8.52 26.25 1.12
C HIS A 206 -9.09 24.97 1.74
N HIS A 207 -8.47 23.83 1.44
CA HIS A 207 -8.84 22.55 2.04
C HIS A 207 -7.79 22.03 3.01
N HIS A 208 -6.76 22.82 3.33
CA HIS A 208 -5.61 22.26 4.06
C HIS A 208 -5.99 21.82 5.48
N ALA A 209 -6.89 22.55 6.14
CA ALA A 209 -7.24 22.15 7.51
C ALA A 209 -7.87 20.76 7.52
N GLU A 210 -8.87 20.53 6.65
CA GLU A 210 -9.54 19.23 6.61
C GLU A 210 -8.59 18.13 6.16
N MET A 211 -7.64 18.47 5.28
CA MET A 211 -6.63 17.52 4.87
CA MET A 211 -6.60 17.54 4.86
C MET A 211 -5.79 17.02 6.05
N LEU A 212 -5.48 17.91 7.00
CA LEU A 212 -4.66 17.53 8.14
C LEU A 212 -5.46 16.77 9.19
N MET A 213 -6.68 17.22 9.46
CA MET A 213 -7.46 16.59 10.50
C MET A 213 -8.06 15.27 10.07
N SER A 214 -8.15 15.03 8.78
CA SER A 214 -8.58 13.71 8.32
C SER A 214 -7.42 12.73 8.19
N TRP A 215 -6.21 13.13 8.57
CA TRP A 215 -5.09 12.20 8.63
C TRP A 215 -5.45 11.06 9.58
N ARG A 216 -5.08 9.84 9.15
CA ARG A 216 -5.65 8.64 9.78
C ARG A 216 -4.84 8.34 11.05
N VAL A 217 -4.90 9.25 12.03
CA VAL A 217 -4.28 9.06 13.34
C VAL A 217 -5.26 9.47 14.43
N ASN A 218 -4.97 9.07 15.68
CA ASN A 218 -5.88 9.28 16.80
C ASN A 218 -5.85 10.71 17.33
N ASP A 219 -4.67 11.33 17.35
CA ASP A 219 -4.47 12.67 17.85
C ASP A 219 -3.73 13.49 16.79
N HIS A 220 -4.15 14.74 16.59
CA HIS A 220 -3.51 15.62 15.61
C HIS A 220 -2.84 16.77 16.36
N LYS A 221 -1.62 16.52 16.84
CA LYS A 221 -0.88 17.52 17.57
C LYS A 221 -0.01 18.32 16.61
N PHE A 222 -0.15 19.65 16.64
CA PHE A 222 0.67 20.56 15.85
C PHE A 222 1.56 21.40 16.76
N THR A 223 2.66 21.89 16.19
CA THR A 223 3.54 22.79 16.93
C THR A 223 2.90 24.18 17.04
N PRO A 224 3.33 24.97 18.02
CA PRO A 224 2.82 26.34 18.13
C PRO A 224 3.01 27.17 16.87
N LEU A 225 4.13 27.03 16.17
CA LEU A 225 4.32 27.81 14.96
C LEU A 225 3.31 27.40 13.89
N LEU A 226 3.05 26.09 13.75
CA LEU A 226 2.11 25.61 12.74
C LEU A 226 0.68 26.04 13.05
N CYS A 227 0.31 26.08 14.33
CA CYS A 227 -1.03 26.56 14.69
C CYS A 227 -1.26 28.01 14.27
N GLU A 228 -0.20 28.83 14.21
CA GLU A 228 -0.37 30.19 13.70
C GLU A 228 -0.55 30.22 12.19
N ILE A 229 0.13 29.31 11.49
CA ILE A 229 0.19 29.32 10.02
C ILE A 229 -0.96 28.53 9.42
N TRP A 230 -1.33 27.44 10.05
CA TRP A 230 -2.33 26.51 9.56
C TRP A 230 -3.62 26.81 10.31
N ASP A 231 -4.75 26.42 9.73
CA ASP A 231 -6.04 26.68 10.41
C ASP A 231 -6.44 25.47 11.24
N VAL A 232 -5.63 25.18 12.25
CA VAL A 232 -5.83 23.98 13.06
C VAL A 232 -5.75 24.33 14.53
N GLN A 233 -6.39 23.48 15.35
CA GLN A 233 -6.31 23.51 16.81
C GLN A 233 -6.80 24.87 17.34
N ASP B 2 -1.60 37.79 18.93
CA ASP B 2 -2.33 36.65 18.37
C ASP B 2 -1.52 35.92 17.28
N HIS B 3 -0.88 36.64 16.36
CA HIS B 3 0.07 36.00 15.44
C HIS B 3 1.49 36.20 15.91
N GLN B 4 1.75 35.92 17.17
CA GLN B 4 2.97 36.42 17.82
C GLN B 4 4.24 35.73 17.36
N LEU B 5 4.21 34.40 17.19
CA LEU B 5 5.45 33.75 16.78
C LEU B 5 5.86 34.24 15.42
N LEU B 6 4.87 34.43 14.55
CA LEU B 6 5.11 34.95 13.22
C LEU B 6 5.60 36.39 13.30
N ARG B 7 4.91 37.23 14.09
CA ARG B 7 5.37 38.59 14.28
C ARG B 7 6.79 38.62 14.85
N TYR B 8 7.11 37.67 15.72
CA TYR B 8 8.45 37.63 16.30
C TYR B 8 9.51 37.28 15.25
N LEU B 9 9.28 36.21 14.48
CA LEU B 9 10.23 35.80 13.46
C LEU B 9 10.41 36.89 12.40
N LEU B 10 9.36 37.67 12.14
CA LEU B 10 9.48 38.76 11.17
C LEU B 10 10.38 39.88 11.70
N ASP B 11 10.43 40.08 13.01
CA ASP B 11 11.24 41.14 13.63
C ASP B 11 12.56 40.62 14.21
N LYS B 12 12.48 39.60 15.08
CA LYS B 12 13.65 39.00 15.72
C LYS B 12 14.66 40.00 16.28
N MET C 4 -6.29 1.29 2.07
CA MET C 4 -7.61 1.18 2.70
C MET C 4 -7.49 0.51 4.08
N GLU C 5 -8.52 0.68 4.91
CA GLU C 5 -8.54 0.13 6.25
C GLU C 5 -9.79 -0.72 6.40
N LEU C 6 -9.71 -1.75 7.26
CA LEU C 6 -10.86 -2.61 7.49
C LEU C 6 -11.96 -1.86 8.24
N THR C 7 -13.21 -2.05 7.85
CA THR C 7 -14.31 -1.50 8.63
C THR C 7 -14.48 -2.31 9.92
N PRO C 8 -15.20 -1.76 10.91
CA PRO C 8 -15.47 -2.54 12.13
C PRO C 8 -16.15 -3.87 11.86
N ASP C 9 -17.11 -3.93 10.93
CA ASP C 9 -17.74 -5.21 10.63
C ASP C 9 -16.78 -6.17 9.93
N GLN C 10 -15.88 -5.67 9.08
CA GLN C 10 -14.91 -6.57 8.47
C GLN C 10 -13.97 -7.17 9.51
N GLN C 11 -13.54 -6.37 10.48
CA GLN C 11 -12.67 -6.84 11.55
C GLN C 11 -13.32 -7.97 12.35
N THR C 12 -14.59 -7.78 12.70
CA THR C 12 -15.35 -8.80 13.43
C THR C 12 -15.39 -10.10 12.63
N LEU C 13 -15.76 -9.98 11.36
CA LEU C 13 -15.72 -11.12 10.44
C LEU C 13 -14.34 -11.79 10.40
N LEU C 14 -13.29 -10.99 10.22
CA LEU C 14 -11.94 -11.56 10.24
C LEU C 14 -11.70 -12.35 11.53
N HIS C 15 -12.05 -11.78 12.69
CA HIS C 15 -11.76 -12.48 13.94
C HIS C 15 -12.61 -13.73 14.07
N PHE C 16 -13.82 -13.69 13.51
CA PHE C 16 -14.66 -14.88 13.50
C PHE C 16 -14.06 -15.96 12.62
N ILE C 17 -13.55 -15.57 11.46
CA ILE C 17 -12.94 -16.55 10.57
C ILE C 17 -11.64 -17.10 11.18
N MET C 18 -10.84 -16.22 11.78
CA MET C 18 -9.59 -16.67 12.38
C MET C 18 -9.84 -17.69 13.49
N ASP C 19 -10.87 -17.46 14.30
CA ASP C 19 -11.19 -18.39 15.37
C ASP C 19 -11.53 -19.77 14.82
N SER C 20 -12.28 -19.84 13.71
CA SER C 20 -12.55 -21.16 13.10
C SER C 20 -11.29 -21.75 12.50
N TYR C 21 -10.48 -20.92 11.83
CA TYR C 21 -9.28 -21.41 11.14
C TYR C 21 -8.30 -22.04 12.13
N ASN C 22 -8.20 -21.48 13.35
CA ASN C 22 -7.23 -21.93 14.34
C ASN C 22 -7.62 -23.22 15.04
N LYS C 23 -8.79 -23.79 14.73
CA LYS C 23 -9.16 -25.13 15.18
C LYS C 23 -8.34 -26.23 14.50
N GLN C 24 -7.52 -25.90 13.51
CA GLN C 24 -6.73 -26.90 12.81
C GLN C 24 -5.59 -27.42 13.70
N ARG C 25 -5.04 -28.56 13.31
CA ARG C 25 -3.84 -29.09 13.95
C ARG C 25 -2.70 -28.12 13.82
N MET C 26 -1.99 -27.89 14.92
CA MET C 26 -0.92 -26.92 14.93
C MET C 26 0.18 -27.38 13.97
N PRO C 27 0.81 -26.44 13.23
CA PRO C 27 1.91 -26.84 12.31
C PRO C 27 3.01 -27.66 12.97
N GLN C 28 3.38 -27.29 14.20
CA GLN C 28 4.45 -27.96 14.93
C GLN C 28 4.18 -29.44 15.11
N GLU C 29 2.93 -29.82 15.36
CA GLU C 29 2.57 -31.23 15.47
C GLU C 29 3.05 -32.01 14.26
N ILE C 30 2.85 -31.43 13.08
CA ILE C 30 3.13 -32.14 11.84
C ILE C 30 4.63 -32.25 11.62
N THR C 31 5.31 -31.10 11.71
CA THR C 31 6.74 -31.08 11.42
C THR C 31 7.56 -31.73 12.52
N ASN C 32 7.05 -31.73 13.76
CA ASN C 32 7.74 -32.47 14.83
C ASN C 32 7.89 -33.93 14.45
N LYS C 33 6.77 -34.57 14.09
CA LYS C 33 6.78 -35.97 13.72
C LYS C 33 7.72 -36.24 12.56
N ILE C 34 7.69 -35.38 11.54
CA ILE C 34 8.50 -35.61 10.34
C ILE C 34 9.98 -35.43 10.66
N LEU C 35 10.33 -34.41 11.45
CA LEU C 35 11.73 -34.14 11.75
C LEU C 35 12.32 -35.17 12.70
N LYS C 36 11.48 -35.77 13.55
CA LYS C 36 12.00 -36.65 14.59
C LYS C 36 12.62 -37.91 13.99
N GLU C 37 11.82 -38.76 13.35
CA GLU C 37 12.34 -39.95 12.70
C GLU C 37 12.08 -39.88 11.21
N ALA C 38 12.91 -40.60 10.44
CA ALA C 38 12.55 -40.95 9.08
C ALA C 38 11.66 -42.18 9.11
N PHE C 39 10.66 -42.19 8.24
CA PHE C 39 9.73 -43.31 8.13
C PHE C 39 9.84 -43.91 6.74
N SER C 40 9.37 -45.14 6.59
CA SER C 40 9.28 -45.74 5.26
C SER C 40 8.12 -45.12 4.46
N ALA C 41 8.15 -45.34 3.15
CA ALA C 41 7.10 -44.84 2.27
C ALA C 41 5.71 -45.35 2.68
N GLU C 42 5.62 -46.59 3.15
CA GLU C 42 4.31 -47.10 3.59
C GLU C 42 3.83 -46.39 4.85
N GLU C 43 4.74 -46.14 5.80
CA GLU C 43 4.31 -45.43 7.00
C GLU C 43 3.95 -43.99 6.66
N ASN C 44 4.69 -43.38 5.75
CA ASN C 44 4.38 -42.02 5.32
C ASN C 44 3.03 -41.94 4.60
N PHE C 45 2.68 -42.97 3.84
CA PHE C 45 1.37 -42.96 3.19
C PHE C 45 0.27 -42.98 4.24
N LEU C 46 0.48 -43.79 5.27
CA LEU C 46 -0.38 -43.83 6.45
C LEU C 46 -0.49 -42.46 7.11
N ILE C 47 0.64 -41.81 7.33
CA ILE C 47 0.60 -40.51 7.99
C ILE C 47 -0.20 -39.52 7.15
N LEU C 48 -0.06 -39.60 5.82
CA LEU C 48 -0.77 -38.69 4.91
C LEU C 48 -2.28 -38.88 5.00
N THR C 49 -2.76 -40.13 4.95
CA THR C 49 -4.20 -40.34 4.96
C THR C 49 -4.83 -39.93 6.29
N GLU C 50 -4.15 -40.18 7.40
CA GLU C 50 -4.64 -39.70 8.69
C GLU C 50 -4.66 -38.16 8.77
N MET C 51 -3.59 -37.49 8.31
CA MET C 51 -3.60 -36.03 8.26
C MET C 51 -4.74 -35.52 7.40
N ALA C 52 -4.93 -36.13 6.24
CA ALA C 52 -5.91 -35.62 5.29
C ALA C 52 -7.33 -35.89 5.76
N THR C 53 -7.55 -37.01 6.46
CA THR C 53 -8.87 -37.28 7.01
C THR C 53 -9.23 -36.27 8.09
N ASN C 54 -8.32 -36.03 9.03
CA ASN C 54 -8.52 -34.98 10.03
C ASN C 54 -8.74 -33.63 9.36
N HIS C 55 -7.97 -33.34 8.32
CA HIS C 55 -8.10 -32.05 7.67
C HIS C 55 -9.50 -31.85 7.07
N VAL C 56 -10.04 -32.88 6.41
CA VAL C 56 -11.37 -32.76 5.83
C VAL C 56 -12.42 -32.49 6.90
N GLN C 57 -12.29 -33.15 8.05
CA GLN C 57 -13.27 -32.95 9.13
C GLN C 57 -13.26 -31.49 9.59
N VAL C 58 -12.07 -30.93 9.79
CA VAL C 58 -11.96 -29.56 10.28
C VAL C 58 -12.42 -28.59 9.21
N LEU C 59 -12.14 -28.90 7.94
CA LEU C 59 -12.52 -28.02 6.84
C LEU C 59 -14.04 -27.88 6.71
N VAL C 60 -14.77 -28.97 6.92
CA VAL C 60 -16.23 -28.88 6.86
C VAL C 60 -16.75 -27.98 7.99
N GLU C 61 -16.19 -28.10 9.19
CA GLU C 61 -16.62 -27.24 10.30
C GLU C 61 -16.31 -25.78 10.04
N PHE C 62 -15.14 -25.50 9.44
CA PHE C 62 -14.78 -24.15 9.03
C PHE C 62 -15.74 -23.62 7.96
N THR C 63 -16.04 -24.47 6.97
CA THR C 63 -16.88 -24.05 5.86
C THR C 63 -18.29 -23.72 6.33
N LYS C 64 -18.83 -24.51 7.25
CA LYS C 64 -20.16 -24.25 7.79
C LYS C 64 -20.24 -22.92 8.54
N LYS C 65 -19.13 -22.43 9.06
CA LYS C 65 -19.14 -21.15 9.75
C LYS C 65 -18.94 -19.96 8.83
N LEU C 66 -18.63 -20.18 7.55
CA LEU C 66 -18.49 -19.05 6.63
C LEU C 66 -19.84 -18.38 6.44
N PRO C 67 -19.90 -17.04 6.50
CA PRO C 67 -21.19 -16.34 6.45
C PRO C 67 -21.99 -16.70 5.21
N GLY C 68 -23.21 -17.21 5.43
CA GLY C 68 -24.15 -17.50 4.35
C GLY C 68 -24.04 -18.88 3.74
N PHE C 69 -22.96 -19.63 4.03
CA PHE C 69 -22.80 -20.96 3.42
C PHE C 69 -24.02 -21.82 3.66
N GLN C 70 -24.59 -21.75 4.87
CA GLN C 70 -25.72 -22.61 5.22
C GLN C 70 -27.00 -22.21 4.49
N THR C 71 -27.06 -21.01 3.92
CA THR C 71 -28.22 -20.59 3.14
C THR C 71 -28.13 -20.99 1.67
N LEU C 72 -27.07 -21.68 1.27
CA LEU C 72 -26.97 -22.16 -0.09
C LEU C 72 -27.76 -23.44 -0.29
N ASP C 73 -28.16 -23.67 -1.54
CA ASP C 73 -28.79 -24.94 -1.90
C ASP C 73 -27.92 -26.09 -1.40
N HIS C 74 -28.60 -27.13 -0.89
CA HIS C 74 -27.88 -28.19 -0.20
C HIS C 74 -26.96 -28.96 -1.13
N GLU C 75 -27.40 -29.20 -2.37
CA GLU C 75 -26.52 -29.87 -3.33
C GLU C 75 -25.33 -29.00 -3.70
N ASP C 76 -25.49 -27.68 -3.71
CA ASP C 76 -24.35 -26.84 -4.06
C ASP C 76 -23.30 -26.83 -2.94
N GLN C 77 -23.75 -26.87 -1.70
CA GLN C 77 -22.82 -26.99 -0.57
C GLN C 77 -21.92 -28.21 -0.71
N ILE C 78 -22.49 -29.35 -1.12
CA ILE C 78 -21.67 -30.55 -1.33
C ILE C 78 -20.67 -30.32 -2.47
N ALA C 79 -21.13 -29.72 -3.57
CA ALA C 79 -20.24 -29.51 -4.69
C ALA C 79 -19.08 -28.58 -4.34
N LEU C 80 -19.31 -27.60 -3.47
CA LEU C 80 -18.22 -26.73 -3.03
C LEU C 80 -17.25 -27.50 -2.18
N LEU C 81 -17.75 -28.35 -1.28
CA LEU C 81 -16.88 -29.12 -0.40
C LEU C 81 -16.04 -30.11 -1.19
N LYS C 82 -16.68 -30.89 -2.06
CA LYS C 82 -15.96 -31.79 -2.95
C LYS C 82 -14.95 -31.03 -3.81
N GLY C 83 -15.35 -29.87 -4.30
CA GLY C 83 -14.50 -29.16 -5.24
C GLY C 83 -13.31 -28.47 -4.60
N SER C 84 -13.29 -28.30 -3.28
CA SER C 84 -12.25 -27.47 -2.69
C SER C 84 -11.35 -28.21 -1.72
N ALA C 85 -11.71 -29.42 -1.32
CA ALA C 85 -11.00 -30.11 -0.25
C ALA C 85 -9.53 -30.34 -0.61
N VAL C 86 -9.27 -30.84 -1.81
CA VAL C 86 -7.87 -31.13 -2.16
C VAL C 86 -7.06 -29.84 -2.21
N GLU C 87 -7.64 -28.80 -2.81
CA GLU C 87 -6.93 -27.53 -2.90
C GLU C 87 -6.62 -26.98 -1.52
N ALA C 88 -7.59 -27.03 -0.58
CA ALA C 88 -7.29 -26.52 0.76
C ALA C 88 -6.18 -27.33 1.41
N MET C 89 -6.07 -28.63 1.09
CA MET C 89 -5.02 -29.45 1.68
CA MET C 89 -5.02 -29.43 1.69
C MET C 89 -3.64 -28.96 1.24
N PHE C 90 -3.50 -28.66 -0.06
CA PHE C 90 -2.22 -28.18 -0.57
C PHE C 90 -1.92 -26.80 -0.05
N LEU C 91 -2.96 -25.97 0.11
CA LEU C 91 -2.72 -24.63 0.64
C LEU C 91 -2.27 -24.72 2.10
N ARG C 92 -2.93 -25.59 2.89
CA ARG C 92 -2.51 -25.77 4.28
C ARG C 92 -1.09 -26.32 4.37
N SER C 93 -0.74 -27.29 3.50
CA SER C 93 0.63 -27.81 3.46
C SER C 93 1.63 -26.71 3.20
N ALA C 94 1.31 -25.78 2.27
CA ALA C 94 2.22 -24.69 1.97
C ALA C 94 2.38 -23.75 3.18
N GLU C 95 1.29 -23.45 3.88
CA GLU C 95 1.40 -22.67 5.11
C GLU C 95 2.32 -23.36 6.13
N ILE C 96 2.10 -24.65 6.38
CA ILE C 96 2.89 -25.36 7.38
C ILE C 96 4.37 -25.33 7.00
N PHE C 97 4.67 -25.66 5.75
CA PHE C 97 6.05 -25.67 5.30
C PHE C 97 6.72 -24.31 5.50
N ASN C 98 5.96 -23.21 5.45
CA ASN C 98 6.58 -21.89 5.51
C ASN C 98 6.64 -21.30 6.92
N LYS C 99 6.08 -21.97 7.92
CA LYS C 99 6.31 -21.59 9.32
C LYS C 99 7.80 -21.64 9.63
N LYS C 100 8.30 -20.60 10.27
CA LYS C 100 9.72 -20.53 10.58
C LYS C 100 10.08 -21.56 11.64
N LEU C 101 11.23 -22.19 11.44
CA LEU C 101 11.76 -23.25 12.28
C LEU C 101 13.20 -22.90 12.62
N PRO C 102 13.76 -23.48 13.68
CA PRO C 102 15.19 -23.27 13.97
C PRO C 102 16.06 -23.57 12.76
N SER C 103 17.25 -22.98 12.73
CA SER C 103 18.17 -23.11 11.61
C SER C 103 18.35 -24.56 11.17
N GLY C 104 18.29 -24.78 9.85
CA GLY C 104 18.49 -26.08 9.26
C GLY C 104 17.30 -27.02 9.30
N HIS C 105 16.29 -26.75 10.13
CA HIS C 105 15.16 -27.68 10.27
C HIS C 105 14.34 -27.76 8.99
N SER C 106 14.10 -26.61 8.35
CA SER C 106 13.28 -26.64 7.14
C SER C 106 13.97 -27.40 6.00
N ASP C 107 15.30 -27.28 5.89
CA ASP C 107 16.06 -28.05 4.90
C ASP C 107 15.87 -29.55 5.13
N LEU C 108 15.98 -30.00 6.38
CA LEU C 108 15.75 -31.39 6.70
C LEU C 108 14.29 -31.78 6.44
N LEU C 109 13.37 -30.86 6.75
CA LEU C 109 11.95 -31.09 6.50
C LEU C 109 11.66 -31.31 5.02
N GLU C 110 12.21 -30.46 4.15
CA GLU C 110 11.94 -30.67 2.74
CA GLU C 110 11.99 -30.64 2.72
C GLU C 110 12.60 -31.95 2.23
N ALA C 111 13.79 -32.28 2.73
CA ALA C 111 14.44 -33.52 2.28
C ALA C 111 13.66 -34.75 2.74
N ARG C 112 13.13 -34.72 3.96
CA ARG C 112 12.31 -35.82 4.45
C ARG C 112 11.06 -35.98 3.60
N ILE C 113 10.41 -34.87 3.23
CA ILE C 113 9.22 -34.98 2.40
C ILE C 113 9.58 -35.50 1.01
N ARG C 114 10.68 -35.00 0.43
CA ARG C 114 11.10 -35.44 -0.89
C ARG C 114 11.28 -36.95 -0.96
N ASN C 115 11.74 -37.57 0.12
N ASN C 115 11.73 -37.56 0.14
CA ASN C 115 11.93 -39.01 0.17
CA ASN C 115 11.97 -39.00 0.25
C ASN C 115 10.78 -39.74 0.86
C ASN C 115 10.73 -39.78 0.68
N SER C 116 9.59 -39.13 0.91
CA SER C 116 8.45 -39.77 1.56
C SER C 116 7.81 -40.86 0.72
N GLY C 117 8.13 -40.96 -0.57
CA GLY C 117 7.53 -41.94 -1.45
C GLY C 117 6.81 -41.32 -2.61
N ILE C 118 6.45 -40.04 -2.50
CA ILE C 118 5.88 -39.33 -3.62
C ILE C 118 6.92 -39.26 -4.75
N SER C 119 6.44 -39.32 -5.99
CA SER C 119 7.36 -39.28 -7.12
C SER C 119 7.93 -37.86 -7.30
N ASP C 120 9.20 -37.79 -7.73
CA ASP C 120 9.86 -36.50 -7.89
C ASP C 120 9.10 -35.60 -8.86
N GLU C 121 8.53 -36.19 -9.91
CA GLU C 121 7.65 -35.48 -10.85
C GLU C 121 6.62 -34.57 -10.18
N TYR C 122 6.15 -34.92 -8.99
CA TYR C 122 5.11 -34.11 -8.36
C TYR C 122 5.61 -33.30 -7.18
N ILE C 123 6.64 -33.77 -6.47
CA ILE C 123 7.08 -33.08 -5.26
C ILE C 123 7.83 -31.80 -5.64
N THR C 124 8.54 -31.82 -6.76
CA THR C 124 9.30 -30.63 -7.15
C THR C 124 8.37 -29.48 -7.51
N PRO C 125 7.33 -29.64 -8.34
CA PRO C 125 6.38 -28.53 -8.52
C PRO C 125 5.74 -28.10 -7.23
N MET C 126 5.47 -29.06 -6.34
CA MET C 126 4.90 -28.71 -5.05
C MET C 126 5.82 -27.78 -4.26
N PHE C 127 7.12 -28.10 -4.22
CA PHE C 127 8.02 -27.26 -3.43
C PHE C 127 8.26 -25.91 -4.09
N SER C 128 8.26 -25.85 -5.41
CA SER C 128 8.34 -24.57 -6.10
C SER C 128 7.18 -23.67 -5.67
N PHE C 129 5.97 -24.24 -5.65
CA PHE C 129 4.79 -23.50 -5.17
C PHE C 129 4.93 -23.12 -3.69
N TYR C 130 5.27 -24.10 -2.84
CA TYR C 130 5.47 -23.82 -1.41
C TYR C 130 6.44 -22.66 -1.23
N LYS C 131 7.55 -22.69 -1.98
CA LYS C 131 8.57 -21.69 -1.74
C LYS C 131 8.15 -20.35 -2.31
N SER C 132 7.51 -20.33 -3.48
CA SER C 132 7.07 -19.04 -4.01
C SER C 132 5.97 -18.43 -3.17
N ILE C 133 5.09 -19.23 -2.58
CA ILE C 133 4.03 -18.62 -1.78
C ILE C 133 4.59 -18.13 -0.44
N GLY C 134 5.61 -18.79 0.10
CA GLY C 134 6.26 -18.27 1.30
C GLY C 134 6.95 -16.96 1.05
N GLU C 135 7.45 -16.75 -0.15
CA GLU C 135 8.10 -15.52 -0.57
C GLU C 135 7.21 -14.31 -0.34
N LEU C 136 5.91 -14.50 -0.55
CA LEU C 136 4.89 -13.48 -0.40
C LEU C 136 4.77 -13.02 1.04
N LYS C 137 5.43 -13.73 1.96
CA LYS C 137 5.45 -13.38 3.39
C LYS C 137 4.03 -13.20 3.93
N MET C 138 3.18 -14.18 3.62
CA MET C 138 1.77 -14.05 3.98
C MET C 138 1.60 -14.19 5.49
N THR C 139 0.64 -13.44 6.02
CA THR C 139 0.20 -13.61 7.39
C THR C 139 -0.78 -14.77 7.48
N GLN C 140 -1.01 -15.25 8.71
CA GLN C 140 -2.00 -16.30 8.90
C GLN C 140 -3.41 -15.85 8.50
N GLU C 141 -3.73 -14.57 8.66
CA GLU C 141 -5.05 -14.10 8.22
C GLU C 141 -5.23 -14.27 6.72
N GLU C 142 -4.20 -13.95 5.95
CA GLU C 142 -4.29 -14.10 4.50
C GLU C 142 -4.49 -15.56 4.10
N TYR C 143 -3.85 -16.49 4.82
CA TYR C 143 -4.06 -17.91 4.52
C TYR C 143 -5.51 -18.32 4.78
N ALA C 144 -6.08 -17.87 5.91
CA ALA C 144 -7.46 -18.24 6.24
C ALA C 144 -8.45 -17.67 5.23
N LEU C 145 -8.29 -16.40 4.84
CA LEU C 145 -9.15 -15.82 3.81
C LEU C 145 -8.96 -16.49 2.45
N LEU C 146 -7.72 -16.71 2.02
CA LEU C 146 -7.52 -17.41 0.75
C LEU C 146 -8.20 -18.79 0.77
N THR C 147 -8.09 -19.51 1.90
CA THR C 147 -8.81 -20.78 2.03
C THR C 147 -10.31 -20.58 1.90
N ALA C 148 -10.86 -19.55 2.56
CA ALA C 148 -12.28 -19.27 2.44
C ALA C 148 -12.64 -18.94 0.99
N ILE C 149 -11.79 -18.20 0.30
CA ILE C 149 -12.04 -17.84 -1.10
C ILE C 149 -11.97 -19.07 -2.01
N VAL C 150 -11.05 -20.00 -1.73
CA VAL C 150 -10.97 -21.29 -2.42
C VAL C 150 -12.26 -22.08 -2.26
N ILE C 151 -12.77 -22.17 -1.02
CA ILE C 151 -14.00 -22.93 -0.78
C ILE C 151 -15.19 -22.29 -1.49
N LEU C 152 -15.31 -20.96 -1.43
CA LEU C 152 -16.47 -20.28 -1.98
C LEU C 152 -16.20 -19.85 -3.42
N SER C 153 -15.69 -20.77 -4.21
CA SER C 153 -15.39 -20.52 -5.61
CA SER C 153 -15.39 -20.51 -5.61
C SER C 153 -16.63 -20.73 -6.45
N PRO C 154 -17.11 -19.72 -7.19
CA PRO C 154 -18.34 -19.87 -7.97
C PRO C 154 -18.19 -20.74 -9.20
N ASP C 155 -16.96 -21.09 -9.60
CA ASP C 155 -16.72 -21.80 -10.85
C ASP C 155 -16.50 -23.30 -10.65
N ARG C 156 -16.89 -23.88 -9.51
CA ARG C 156 -16.72 -25.32 -9.39
C ARG C 156 -17.73 -26.01 -10.29
N GLN C 157 -17.39 -27.19 -10.78
CA GLN C 157 -18.40 -27.89 -11.57
C GLN C 157 -19.54 -28.36 -10.66
N TYR C 158 -20.73 -28.43 -11.27
CA TYR C 158 -21.99 -28.94 -10.70
C TYR C 158 -22.65 -27.91 -9.80
N ILE C 159 -22.15 -26.68 -9.77
CA ILE C 159 -22.80 -25.62 -9.02
C ILE C 159 -24.02 -25.15 -9.82
N LYS C 160 -25.20 -25.29 -9.23
CA LYS C 160 -26.40 -24.88 -9.97
C LYS C 160 -26.63 -23.37 -9.92
N ASP C 161 -26.33 -22.72 -8.80
CA ASP C 161 -26.51 -21.27 -8.68
C ASP C 161 -25.14 -20.63 -8.40
N ARG C 162 -24.45 -20.22 -9.46
CA ARG C 162 -23.12 -19.67 -9.24
C ARG C 162 -23.17 -18.23 -8.70
N GLU C 163 -24.19 -17.44 -9.01
CA GLU C 163 -24.15 -16.08 -8.47
C GLU C 163 -24.40 -16.07 -6.96
N ALA C 164 -25.21 -17.00 -6.46
CA ALA C 164 -25.36 -17.11 -5.01
C ALA C 164 -24.01 -17.31 -4.34
N VAL C 165 -23.16 -18.18 -4.92
CA VAL C 165 -21.82 -18.37 -4.38
C VAL C 165 -20.98 -17.11 -4.57
N GLU C 166 -21.10 -16.46 -5.73
CA GLU C 166 -20.32 -15.24 -5.95
C GLU C 166 -20.60 -14.21 -4.87
N LYS C 167 -21.86 -14.09 -4.45
CA LYS C 167 -22.23 -13.12 -3.43
C LYS C 167 -21.63 -13.45 -2.08
N LEU C 168 -21.39 -14.72 -1.79
CA LEU C 168 -20.69 -15.04 -0.56
C LEU C 168 -19.19 -14.77 -0.68
N GLN C 169 -18.62 -15.02 -1.85
CA GLN C 169 -17.18 -14.85 -2.04
C GLN C 169 -16.76 -13.38 -2.09
N GLU C 170 -17.62 -12.50 -2.62
CA GLU C 170 -17.21 -11.10 -2.84
CA GLU C 170 -17.20 -11.11 -2.83
C GLU C 170 -16.81 -10.40 -1.54
N PRO C 171 -17.55 -10.50 -0.43
CA PRO C 171 -17.06 -9.81 0.79
C PRO C 171 -15.71 -10.32 1.27
N LEU C 172 -15.42 -11.61 1.08
CA LEU C 172 -14.11 -12.12 1.52
C LEU C 172 -12.99 -11.61 0.62
N LEU C 173 -13.24 -11.49 -0.68
CA LEU C 173 -12.26 -10.89 -1.59
C LEU C 173 -11.94 -9.47 -1.16
N ASP C 174 -12.97 -8.70 -0.78
CA ASP C 174 -12.75 -7.31 -0.37
C ASP C 174 -11.83 -7.23 0.83
N VAL C 175 -12.04 -8.10 1.82
CA VAL C 175 -11.20 -8.13 3.01
C VAL C 175 -9.77 -8.52 2.67
N LEU C 176 -9.59 -9.56 1.84
CA LEU C 176 -8.23 -9.99 1.52
C LEU C 176 -7.47 -8.88 0.81
N GLN C 177 -8.15 -8.17 -0.10
CA GLN C 177 -7.49 -7.07 -0.79
C GLN C 177 -7.00 -6.03 0.20
N LYS C 178 -7.81 -5.70 1.20
CA LYS C 178 -7.40 -4.74 2.23
C LYS C 178 -6.18 -5.24 3.00
N LEU C 179 -6.19 -6.50 3.41
CA LEU C 179 -5.05 -7.08 4.11
C LEU C 179 -3.77 -6.98 3.28
N CYS C 180 -3.87 -7.24 1.97
CA CYS C 180 -2.69 -7.15 1.12
C CYS C 180 -2.17 -5.72 1.05
N LYS C 181 -3.07 -4.73 1.01
CA LYS C 181 -2.60 -3.35 1.04
C LYS C 181 -1.97 -3.00 2.37
N ILE C 182 -2.54 -3.52 3.46
CA ILE C 182 -2.02 -3.22 4.79
C ILE C 182 -0.64 -3.85 5.01
N HIS C 183 -0.51 -5.16 4.74
CA HIS C 183 0.69 -5.87 5.16
C HIS C 183 1.82 -5.86 4.13
N GLN C 184 1.56 -5.55 2.86
CA GLN C 184 2.61 -5.34 1.87
C GLN C 184 2.33 -4.11 1.01
N PRO C 185 2.34 -2.92 1.61
CA PRO C 185 2.08 -1.70 0.82
C PRO C 185 3.16 -1.40 -0.20
N GLU C 186 4.37 -1.92 0.01
CA GLU C 186 5.44 -1.77 -0.96
C GLU C 186 5.20 -2.60 -2.21
N ASN C 187 4.26 -3.55 -2.17
CA ASN C 187 4.00 -4.48 -3.27
C ASN C 187 2.52 -4.40 -3.67
N PRO C 188 2.14 -3.52 -4.61
CA PRO C 188 0.72 -3.34 -4.95
C PRO C 188 0.15 -4.41 -5.86
N GLN C 189 0.99 -5.38 -6.24
CA GLN C 189 0.76 -6.58 -7.00
C GLN C 189 0.43 -7.78 -6.13
N HIS C 190 0.57 -7.62 -4.81
CA HIS C 190 0.46 -8.74 -3.91
C HIS C 190 -0.90 -9.42 -4.01
N PHE C 191 -1.98 -8.63 -4.04
CA PHE C 191 -3.31 -9.23 -4.14
C PHE C 191 -3.43 -10.05 -5.43
N ALA C 192 -2.98 -9.50 -6.55
CA ALA C 192 -3.04 -10.24 -7.82
C ALA C 192 -2.27 -11.54 -7.72
N CYS C 193 -1.09 -11.51 -7.10
CA CYS C 193 -0.30 -12.72 -6.98
CA CYS C 193 -0.30 -12.72 -6.98
C CYS C 193 -1.03 -13.80 -6.20
N LEU C 194 -1.77 -13.42 -5.14
CA LEU C 194 -2.53 -14.40 -4.37
C LEU C 194 -3.65 -14.98 -5.22
N LEU C 195 -4.36 -14.13 -5.95
CA LEU C 195 -5.40 -14.68 -6.81
C LEU C 195 -4.81 -15.66 -7.80
N GLY C 196 -3.57 -15.39 -8.26
CA GLY C 196 -2.94 -16.30 -9.19
C GLY C 196 -2.71 -17.67 -8.59
N ARG C 197 -2.49 -17.73 -7.26
CA ARG C 197 -2.32 -19.00 -6.56
C ARG C 197 -3.51 -19.92 -6.71
N LEU C 198 -4.70 -19.35 -6.87
CA LEU C 198 -5.89 -20.17 -7.03
C LEU C 198 -5.73 -21.09 -8.24
N THR C 199 -5.10 -20.59 -9.32
CA THR C 199 -4.90 -21.41 -10.51
C THR C 199 -3.84 -22.48 -10.29
N GLU C 200 -2.73 -22.15 -9.65
CA GLU C 200 -1.73 -23.18 -9.37
CA GLU C 200 -1.73 -23.16 -9.37
C GLU C 200 -2.31 -24.26 -8.47
N LEU C 201 -3.19 -23.89 -7.54
CA LEU C 201 -3.81 -24.89 -6.69
C LEU C 201 -4.68 -25.84 -7.52
N ARG C 202 -5.39 -25.30 -8.51
CA ARG C 202 -6.25 -26.15 -9.31
C ARG C 202 -5.43 -27.13 -10.13
N THR C 203 -4.21 -26.78 -10.55
CA THR C 203 -3.44 -27.80 -11.28
C THR C 203 -3.01 -28.93 -10.34
N PHE C 204 -2.68 -28.61 -9.09
CA PHE C 204 -2.37 -29.70 -8.15
C PHE C 204 -3.56 -30.60 -7.97
N ASN C 205 -4.76 -30.02 -7.91
CA ASN C 205 -5.99 -30.80 -7.87
C ASN C 205 -6.05 -31.76 -9.05
N HIS C 206 -5.59 -31.33 -10.23
CA HIS C 206 -5.79 -32.13 -11.43
C HIS C 206 -4.84 -33.32 -11.44
N HIS C 207 -3.74 -33.25 -10.68
CA HIS C 207 -2.77 -34.33 -10.60
C HIS C 207 -2.80 -35.13 -9.29
N HIS C 208 -3.74 -34.87 -8.39
CA HIS C 208 -3.63 -35.48 -7.06
C HIS C 208 -3.83 -37.00 -7.14
N ALA C 209 -4.74 -37.47 -8.02
CA ALA C 209 -4.99 -38.91 -8.12
C ALA C 209 -3.75 -39.64 -8.61
N GLU C 210 -3.18 -39.18 -9.72
CA GLU C 210 -1.93 -39.75 -10.21
CA GLU C 210 -1.94 -39.76 -10.21
C GLU C 210 -0.84 -39.65 -9.16
N MET C 211 -0.78 -38.52 -8.44
CA MET C 211 0.21 -38.34 -7.40
C MET C 211 0.07 -39.37 -6.30
N LEU C 212 -1.17 -39.68 -5.91
CA LEU C 212 -1.39 -40.69 -4.88
C LEU C 212 -1.06 -42.10 -5.37
N MET C 213 -1.44 -42.45 -6.60
CA MET C 213 -1.25 -43.84 -7.00
C MET C 213 0.17 -44.14 -7.48
N SER C 214 0.96 -43.11 -7.82
CA SER C 214 2.38 -43.34 -8.11
C SER C 214 3.24 -43.32 -6.85
N TRP C 215 2.64 -43.12 -5.68
CA TRP C 215 3.36 -43.24 -4.41
C TRP C 215 3.98 -44.64 -4.30
N ARG C 216 5.24 -44.70 -3.90
CA ARG C 216 6.03 -45.93 -3.92
CA ARG C 216 6.00 -45.96 -3.98
C ARG C 216 5.60 -46.92 -2.85
N VAL C 217 4.35 -47.40 -2.91
CA VAL C 217 3.84 -48.41 -1.99
C VAL C 217 3.04 -49.45 -2.77
N ASN C 218 2.91 -50.64 -2.17
CA ASN C 218 2.21 -51.74 -2.82
C ASN C 218 0.70 -51.61 -2.68
N ASP C 219 0.21 -51.10 -1.56
CA ASP C 219 -1.21 -50.98 -1.29
C ASP C 219 -1.55 -49.52 -0.99
N HIS C 220 -2.59 -49.02 -1.64
CA HIS C 220 -3.06 -47.65 -1.48
C HIS C 220 -4.49 -47.70 -0.94
N LYS C 221 -4.62 -47.90 0.37
CA LYS C 221 -5.90 -48.05 1.01
C LYS C 221 -6.26 -46.66 1.59
N PHE C 222 -7.42 -46.15 1.21
CA PHE C 222 -7.89 -44.86 1.72
C PHE C 222 -9.08 -45.11 2.64
N THR C 223 -9.36 -44.14 3.51
CA THR C 223 -10.51 -44.23 4.38
C THR C 223 -11.79 -43.99 3.58
N PRO C 224 -12.94 -44.41 4.12
CA PRO C 224 -14.22 -44.09 3.46
C PRO C 224 -14.47 -42.60 3.24
N LEU C 225 -14.05 -41.74 4.17
CA LEU C 225 -14.23 -40.31 3.98
C LEU C 225 -13.36 -39.77 2.84
N LEU C 226 -12.13 -40.24 2.73
CA LEU C 226 -11.24 -39.80 1.66
C LEU C 226 -11.72 -40.29 0.29
N CYS C 227 -12.32 -41.48 0.23
CA CYS C 227 -12.89 -41.99 -1.01
C CYS C 227 -14.00 -41.09 -1.54
N GLU C 228 -14.69 -40.36 -0.66
CA GLU C 228 -15.67 -39.39 -1.13
C GLU C 228 -14.99 -38.15 -1.72
N ILE C 229 -13.84 -37.79 -1.18
CA ILE C 229 -13.20 -36.51 -1.47
C ILE C 229 -12.17 -36.62 -2.60
N TRP C 230 -11.45 -37.74 -2.70
CA TRP C 230 -10.24 -37.78 -3.52
C TRP C 230 -10.36 -38.39 -4.91
N ASP C 231 -11.41 -39.15 -5.22
CA ASP C 231 -11.48 -39.82 -6.53
C ASP C 231 -10.43 -40.92 -6.58
N VAL C 232 -10.55 -41.90 -5.69
CA VAL C 232 -9.57 -42.95 -5.50
C VAL C 232 -10.27 -44.29 -5.36
N GLN C 233 -9.50 -45.35 -5.57
CA GLN C 233 -9.82 -46.66 -5.02
C GLN C 233 -11.21 -47.20 -5.40
N HIS D 3 -22.70 -39.59 -1.47
CA HIS D 3 -21.80 -38.82 -0.62
C HIS D 3 -22.31 -38.65 0.80
N GLN D 4 -22.65 -39.78 1.43
CA GLN D 4 -23.40 -39.72 2.68
C GLN D 4 -22.53 -39.21 3.84
N LEU D 5 -21.24 -39.58 3.88
CA LEU D 5 -20.41 -39.10 4.97
C LEU D 5 -20.27 -37.58 4.93
N LEU D 6 -20.20 -37.00 3.72
CA LEU D 6 -20.15 -35.55 3.58
C LEU D 6 -21.48 -34.91 3.99
N ARG D 7 -22.61 -35.48 3.54
CA ARG D 7 -23.91 -35.01 3.98
C ARG D 7 -24.03 -35.05 5.48
N TYR D 8 -23.51 -36.11 6.09
CA TYR D 8 -23.58 -36.23 7.52
C TYR D 8 -22.77 -35.12 8.18
N LEU D 9 -21.52 -34.93 7.76
CA LEU D 9 -20.69 -33.87 8.35
C LEU D 9 -21.31 -32.49 8.13
N LEU D 10 -21.95 -32.28 6.98
CA LEU D 10 -22.54 -30.98 6.68
C LEU D 10 -23.75 -30.69 7.53
N ASP D 11 -24.52 -31.71 7.89
CA ASP D 11 -25.76 -31.53 8.65
C ASP D 11 -25.57 -31.85 10.12
N LYS D 12 -24.54 -31.24 10.71
CA LYS D 12 -24.14 -31.48 12.10
C LYS D 12 -24.09 -32.96 12.44
N3 9KV E . 4.40 15.57 -0.33
C4 9KV E . 3.04 16.05 1.67
C4 9KV E . 3.04 16.07 1.62
C5 9KV E . 6.61 16.29 3.59
C7 9KV E . 5.54 15.28 3.12
C8 9KV E . 6.35 14.95 0.69
C10 9KV E . 5.71 15.13 -0.52
C15 9KV E . 0.31 18.22 3.55
C15 9KV E . -0.72 16.37 2.62
C17 9KV E . 7.60 18.51 3.24
C20 9KV E . -1.06 17.98 3.70
C20 9KV E . -1.61 16.47 1.56
C21 9KV E . 0.84 19.39 4.08
C21 9KV E . -1.23 16.24 3.90
C22 9KV E . 4.84 12.84 2.92
C24 9KV E . 6.80 19.75 3.70
C26 9KV E . 8.33 14.26 -0.40
C28 9KV E . 0.03 20.30 4.73
C28 9KV E . -2.59 16.19 4.11
C1 9KV E . 4.27 15.64 0.98
C16 9KV E . 5.74 13.85 3.66
C18 9KV E . 7.65 14.51 0.78
C19 9KV E . 6.39 14.87 -1.72
C23 9KV E . 5.43 13.77 5.16
C25 9KV E . 8.46 18.85 2.05
C27 9KV E . 7.71 14.43 -1.63
C30 9KV E . 5.67 12.36 5.70
C31 9KV E . 5.01 11.38 3.48
C32 9KV E . 9.39 20.02 2.36
C33 9KV E . 7.71 20.98 3.93
C35 9KV E . 8.60 21.25 2.75
C36 9KV E . 4.81 11.31 4.97
N13 9KV E . 6.65 17.44 2.93
N2 9KV E . 5.38 15.29 1.66
O14 9KV E . 7.37 16.02 4.50
C11 9KV E . 1.95 15.26 1.93
C11 9KV E . 2.90 17.08 2.56
C12 9KV E . 0.91 15.92 2.60
C12 9KV E . 1.63 17.27 2.99
C29 9KV E . -1.87 18.91 4.35
C29 9KV E . -2.96 16.42 1.78
C34 9KV E . -1.33 20.06 4.86
C34 9KV E . -3.46 16.27 3.05
C9 9KV E . 1.18 17.24 2.86
C9 9KV E . 0.72 16.44 2.39
S6 9KV E . 2.77 17.67 2.26
S6 9KV E . 1.50 15.37 1.27
N3 9KV F . 3.36 -31.27 2.02
C4 9KV F . 2.11 -33.21 1.15
C5 9KV F . 0.91 -33.73 5.03
C7 9KV F . 2.03 -34.05 4.02
C8 9KV F . 3.35 -31.83 4.26
C10 9KV F . 3.76 -30.88 3.31
C15 9KV F . -0.89 -34.61 -0.97
C17 9KV F . -1.15 -32.45 5.50
C20 9KV F . -0.91 -35.52 -2.02
C21 9KV F . -2.11 -34.06 -0.54
C22 9KV F . 4.31 -35.08 3.64
C24 9KV F . -2.49 -32.69 4.81
C26 9KV F . 4.33 -30.57 6.00
C28 9KV F . -3.30 -34.44 -1.16
C1 9KV F . 2.72 -32.40 2.21
C16 9KV F . 3.09 -35.03 4.57
C18 9KV F . 3.62 -31.69 5.60
C19 9KV F . 4.47 -29.76 3.73
C23 9KV F . 2.52 -36.43 4.74
C25 9KV F . -1.01 -31.02 5.96
C27 9KV F . 4.74 -29.62 5.09
C30 9KV F . 3.57 -37.44 5.23
C31 9KV F . 5.38 -36.08 4.13
C32 9KV F . -2.08 -30.66 6.98
C33 9KV F . -3.45 -31.50 5.02
C35 9KV F . -3.47 -31.02 6.47
C36 9KV F . 4.79 -37.48 4.30
N13 9KV F . -0.02 -32.85 4.62
N2 9KV F . 2.67 -32.81 3.52
O14 9KV F . 0.88 -34.26 6.12
C11 9KV F . 2.63 -34.07 0.21
C12 9KV F . 1.64 -34.63 -0.62
C29 9KV F . -2.10 -35.88 -2.62
C34 9KV F . -3.30 -35.34 -2.20
C9 9KV F . 0.37 -34.22 -0.32
S6 9KV F . 0.39 -33.11 0.99
#